data_6M2F
#
_entry.id   6M2F
#
_cell.length_a   68.240
_cell.length_b   68.240
_cell.length_c   82.010
_cell.angle_alpha   90.000
_cell.angle_beta   90.000
_cell.angle_gamma   90.000
#
_symmetry.space_group_name_H-M   'P 41'
#
loop_
_entity.id
_entity.type
_entity.pdbx_description
1 polymer 'Sirohydrochlorin cobaltochelatase'
2 non-polymer nickel-sirohydrochlorin
3 water water
#
_entity_poly.entity_id   1
_entity_poly.type   'polypeptide(L)'
_entity_poly.pdbx_seq_one_letter_code
;MEALVLVGHGSRLPYSKELLVKLAEKVKERNLFPIVEIGLMEFSEPTIPQAVKKAIEQGAKRIIVVPVFLAHGIHTTRDI
PRLLGLIEDNHEHHHEHSHHHHHHHHHEHEKLEIPEDVEIIYREPIGADDRIVDIIIDRAFGR
;
_entity_poly.pdbx_strand_id   A,B
#
# COMPACT_ATOMS: atom_id res chain seq x y z
N MET A 1 12.64 25.70 -3.10
CA MET A 1 11.54 26.04 -4.07
C MET A 1 10.49 24.94 -4.08
N GLU A 2 10.93 23.69 -4.27
CA GLU A 2 10.02 22.54 -4.36
C GLU A 2 10.19 21.61 -3.16
N ALA A 3 9.06 21.17 -2.61
CA ALA A 3 9.07 20.19 -1.53
C ALA A 3 8.21 18.97 -1.91
N LEU A 4 8.65 17.80 -1.43
CA LEU A 4 7.99 16.52 -1.57
C LEU A 4 7.47 16.17 -0.20
N VAL A 5 6.16 16.04 -0.10
CA VAL A 5 5.50 15.53 1.09
C VAL A 5 4.96 14.14 0.77
N LEU A 6 5.43 13.15 1.51
CA LEU A 6 4.89 11.81 1.41
C LEU A 6 3.87 11.65 2.51
N VAL A 7 2.72 11.14 2.10
CA VAL A 7 1.62 11.07 3.01
C VAL A 7 1.15 9.62 3.01
N GLY A 8 0.92 9.07 4.19
CA GLY A 8 0.51 7.67 4.34
C GLY A 8 -0.62 7.54 5.35
N HIS A 9 -1.10 6.31 5.48
CA HIS A 9 -2.35 6.08 6.19
C HIS A 9 -2.18 6.45 7.65
N GLY A 10 -1.15 5.91 8.29
CA GLY A 10 -1.02 5.92 9.75
C GLY A 10 -1.74 4.73 10.40
N SER A 11 -1.25 4.25 11.55
CA SER A 11 -1.95 3.22 12.29
C SER A 11 -1.76 3.40 13.79
N ARG A 12 -2.52 2.60 14.56
CA ARG A 12 -2.32 2.40 15.99
C ARG A 12 -1.05 1.57 16.21
N LEU A 13 -0.69 0.74 15.23
CA LEU A 13 0.57 0.02 15.32
C LEU A 13 1.59 0.95 14.70
N PRO A 14 2.90 0.75 14.93
CA PRO A 14 3.88 1.75 14.49
C PRO A 14 4.48 1.54 13.10
N TYR A 15 4.10 0.45 12.45
CA TYR A 15 4.80 0.02 11.24
C TYR A 15 4.56 1.02 10.12
N SER A 16 3.37 1.60 10.14
CA SER A 16 2.96 2.42 9.03
C SER A 16 3.78 3.71 9.01
N LYS A 17 3.97 4.28 10.19
CA LYS A 17 4.80 5.48 10.31
C LYS A 17 6.27 5.13 10.07
N GLU A 18 6.69 4.00 10.60
CA GLU A 18 8.08 3.64 10.41
C GLU A 18 8.38 3.48 8.91
N LEU A 19 7.46 2.92 8.14
CA LEU A 19 7.66 2.78 6.70
C LEU A 19 7.76 4.15 6.04
N LEU A 20 6.93 5.10 6.42
CA LEU A 20 7.06 6.42 5.81
C LEU A 20 8.40 7.03 6.18
N VAL A 21 8.86 6.82 7.41
CA VAL A 21 10.11 7.43 7.85
C VAL A 21 11.22 6.83 7.01
N LYS A 22 11.20 5.51 6.84
CA LYS A 22 12.24 4.86 6.07
C LYS A 22 12.18 5.39 4.63
N LEU A 23 10.96 5.52 4.10
CA LEU A 23 10.87 5.90 2.70
C LEU A 23 11.38 7.33 2.54
N ALA A 24 10.99 8.22 3.45
CA ALA A 24 11.52 9.60 3.41
C ALA A 24 13.06 9.64 3.45
N GLU A 25 13.67 8.80 4.28
CA GLU A 25 15.12 8.82 4.43
C GLU A 25 15.78 8.34 3.14
N LYS A 26 15.17 7.36 2.47
CA LYS A 26 15.70 6.88 1.22
C LYS A 26 15.62 7.93 0.13
N VAL A 27 14.53 8.73 0.07
CA VAL A 27 14.49 9.79 -0.95
C VAL A 27 15.46 10.93 -0.58
N LYS A 28 15.60 11.20 0.72
CA LYS A 28 16.61 12.17 1.11
C LYS A 28 17.98 11.76 0.60
N GLU A 29 18.36 10.47 0.71
CA GLU A 29 19.72 10.07 0.29
C GLU A 29 19.89 10.18 -1.22
N ARG A 30 18.78 10.30 -1.96
CA ARG A 30 18.88 10.46 -3.39
C ARG A 30 19.26 11.89 -3.79
N ASN A 31 19.09 12.89 -2.89
CA ASN A 31 19.34 14.30 -3.15
C ASN A 31 18.64 14.78 -4.43
N LEU A 32 17.30 14.65 -4.49
CA LEU A 32 16.47 15.13 -5.58
C LEU A 32 15.70 16.40 -5.19
N PHE A 33 15.38 16.52 -3.90
CA PHE A 33 14.47 17.56 -3.46
C PHE A 33 15.12 18.34 -2.34
N PRO A 34 14.89 19.67 -2.39
CA PRO A 34 15.42 20.57 -1.38
C PRO A 34 14.78 20.22 -0.04
N ILE A 35 13.48 19.92 -0.07
CA ILE A 35 12.75 19.66 1.16
C ILE A 35 11.95 18.36 1.00
N VAL A 36 11.99 17.50 2.00
CA VAL A 36 11.21 16.29 2.01
C VAL A 36 10.57 16.14 3.39
N GLU A 37 9.22 16.05 3.47
CA GLU A 37 8.59 15.80 4.76
C GLU A 37 7.57 14.68 4.62
N ILE A 38 7.19 14.08 5.78
CA ILE A 38 6.16 13.04 5.83
C ILE A 38 4.98 13.49 6.70
N GLY A 39 3.79 12.88 6.50
CA GLY A 39 2.53 13.18 7.17
C GLY A 39 1.66 11.93 7.21
N LEU A 40 1.04 11.66 8.37
CA LEU A 40 0.19 10.49 8.50
C LEU A 40 -1.24 11.00 8.58
N MET A 41 -2.14 10.39 7.79
CA MET A 41 -3.53 10.80 7.77
C MET A 41 -4.13 10.63 9.16
N GLU A 42 -3.91 9.51 9.85
CA GLU A 42 -4.62 9.32 11.10
C GLU A 42 -3.66 8.81 12.17
N PHE A 43 -3.98 9.09 13.44
CA PHE A 43 -3.47 8.41 14.63
C PHE A 43 -2.03 8.78 14.96
N SER A 44 -1.28 9.38 14.05
CA SER A 44 0.15 9.52 14.31
C SER A 44 0.55 10.92 13.93
N GLU A 45 1.71 11.32 14.43
CA GLU A 45 2.24 12.61 14.07
C GLU A 45 3.59 12.36 13.43
N PRO A 46 4.08 13.21 12.50
CA PRO A 46 3.39 14.41 12.05
C PRO A 46 2.12 14.12 11.24
N THR A 47 1.18 15.07 11.26
CA THR A 47 -0.09 14.95 10.53
C THR A 47 0.13 15.59 9.18
N ILE A 48 -0.84 15.45 8.27
CA ILE A 48 -0.70 16.02 6.95
C ILE A 48 -0.61 17.55 7.02
N PRO A 49 -1.52 18.26 7.69
CA PRO A 49 -1.36 19.72 7.83
C PRO A 49 0.01 20.12 8.39
N GLN A 50 0.51 19.44 9.44
CA GLN A 50 1.83 19.79 9.95
C GLN A 50 2.91 19.59 8.88
N ALA A 51 2.83 18.48 8.14
CA ALA A 51 3.89 18.25 7.16
C ALA A 51 3.85 19.38 6.13
N VAL A 52 2.64 19.81 5.76
CA VAL A 52 2.60 20.80 4.70
C VAL A 52 3.12 22.14 5.25
N LYS A 53 2.72 22.53 6.48
CA LYS A 53 3.12 23.81 7.04
C LYS A 53 4.66 23.87 7.16
N LYS A 54 5.25 22.77 7.64
CA LYS A 54 6.68 22.63 7.81
C LYS A 54 7.34 22.87 6.46
N ALA A 55 6.71 22.39 5.38
CA ALA A 55 7.37 22.56 4.12
C ALA A 55 7.34 24.03 3.69
N ILE A 56 6.22 24.73 3.94
CA ILE A 56 6.11 26.15 3.65
C ILE A 56 7.15 26.95 4.44
N GLU A 57 7.24 26.70 5.76
CA GLU A 57 8.15 27.39 6.65
C GLU A 57 9.59 27.21 6.18
N GLN A 58 9.88 26.15 5.41
CA GLN A 58 11.23 25.95 4.90
C GLN A 58 11.43 26.70 3.57
N GLY A 59 10.34 27.33 3.08
CA GLY A 59 10.33 28.17 1.87
C GLY A 59 10.11 27.34 0.61
N ALA A 60 9.18 26.37 0.67
CA ALA A 60 8.73 25.69 -0.53
C ALA A 60 7.55 26.47 -1.07
N LYS A 61 7.57 26.71 -2.38
CA LYS A 61 6.45 27.34 -3.07
C LYS A 61 5.67 26.29 -3.89
N ARG A 62 6.37 25.25 -4.35
CA ARG A 62 5.72 24.13 -5.00
C ARG A 62 5.82 22.86 -4.14
N ILE A 63 4.66 22.40 -3.66
CA ILE A 63 4.62 21.25 -2.75
C ILE A 63 4.00 20.05 -3.46
N ILE A 64 4.83 19.04 -3.73
CA ILE A 64 4.44 17.79 -4.39
C ILE A 64 4.01 16.84 -3.28
N VAL A 65 2.72 16.49 -3.26
CA VAL A 65 2.20 15.53 -2.30
C VAL A 65 1.99 14.19 -3.00
N VAL A 66 2.70 13.17 -2.52
CA VAL A 66 2.56 11.85 -3.04
C VAL A 66 1.89 10.98 -1.99
N PRO A 67 0.71 10.43 -2.28
CA PRO A 67 0.01 9.55 -1.35
C PRO A 67 0.64 8.17 -1.45
N VAL A 68 1.29 7.75 -0.37
CA VAL A 68 1.95 6.47 -0.37
C VAL A 68 0.87 5.46 -0.01
N PHE A 69 0.01 5.15 -1.00
CA PHE A 69 -1.07 4.18 -0.87
C PHE A 69 -1.02 3.31 -2.10
N LEU A 70 -1.51 2.07 -1.99
CA LEU A 70 -1.50 1.16 -3.11
C LEU A 70 -2.57 1.60 -4.14
N ALA A 71 -3.80 1.83 -3.69
CA ALA A 71 -4.88 2.16 -4.62
C ALA A 71 -5.57 3.43 -4.14
N HIS A 72 -6.29 4.09 -5.05
CA HIS A 72 -7.27 5.08 -4.65
C HIS A 72 -8.27 4.42 -3.70
N GLY A 73 -8.72 5.23 -2.77
CA GLY A 73 -9.84 4.91 -1.91
C GLY A 73 -10.44 6.19 -1.33
N ILE A 74 -11.22 6.02 -0.26
CA ILE A 74 -11.86 7.13 0.41
C ILE A 74 -10.76 8.08 0.90
N HIS A 75 -9.68 7.50 1.36
CA HIS A 75 -8.59 8.29 1.90
C HIS A 75 -8.05 9.20 0.80
N THR A 76 -7.79 8.65 -0.40
CA THR A 76 -7.09 9.48 -1.36
C THR A 76 -8.01 10.39 -2.14
N THR A 77 -9.33 10.09 -2.12
CA THR A 77 -10.25 10.90 -2.91
C THR A 77 -11.04 11.91 -2.07
N ARG A 78 -11.40 11.60 -0.81
CA ARG A 78 -12.07 12.55 0.06
C ARG A 78 -11.08 13.18 1.04
N ASP A 79 -10.61 12.37 2.04
CA ASP A 79 -10.01 12.89 3.27
C ASP A 79 -8.74 13.68 2.96
N ILE A 80 -7.95 13.19 2.00
CA ILE A 80 -6.64 13.82 1.86
C ILE A 80 -6.79 15.13 1.12
N PRO A 81 -7.53 15.19 -0.01
CA PRO A 81 -7.77 16.46 -0.69
C PRO A 81 -8.50 17.43 0.23
N ARG A 82 -9.22 16.91 1.23
CA ARG A 82 -9.82 17.80 2.22
C ARG A 82 -8.70 18.46 3.01
N LEU A 83 -7.94 17.62 3.75
CA LEU A 83 -6.87 18.09 4.62
C LEU A 83 -5.96 19.05 3.90
N LEU A 84 -5.89 18.99 2.55
CA LEU A 84 -5.04 19.85 1.76
C LEU A 84 -5.80 21.07 1.24
N GLY A 85 -7.03 21.26 1.75
CA GLY A 85 -7.95 22.30 1.29
C GLY A 85 -8.16 22.27 -0.22
N LEU A 86 -7.97 21.11 -0.86
CA LEU A 86 -8.04 21.07 -2.32
C LEU A 86 -9.48 20.98 -2.77
N ILE A 87 -10.40 20.76 -1.80
CA ILE A 87 -11.80 20.46 -2.05
C ILE A 87 -12.58 21.28 -1.03
N GLU A 88 -13.51 22.10 -1.55
CA GLU A 88 -14.34 22.93 -0.68
C GLU A 88 -15.14 21.97 0.19
N ASP A 89 -15.03 22.13 1.51
CA ASP A 89 -15.65 21.19 2.44
C ASP A 89 -17.08 21.69 2.72
N LEU A 112 -7.00 24.54 6.77
CA LEU A 112 -5.55 24.71 6.48
C LEU A 112 -5.36 25.88 5.50
N GLU A 113 -4.74 26.95 6.02
CA GLU A 113 -4.43 28.19 5.33
C GLU A 113 -3.12 28.08 4.54
N ILE A 114 -3.14 27.27 3.48
CA ILE A 114 -2.18 27.43 2.40
C ILE A 114 -2.23 28.86 1.87
N PRO A 115 -1.09 29.61 1.86
CA PRO A 115 -0.97 30.96 1.25
C PRO A 115 -1.03 30.85 -0.27
N GLU A 116 -1.62 31.83 -0.95
CA GLU A 116 -1.95 31.61 -2.35
C GLU A 116 -0.64 31.51 -3.13
N ASP A 117 0.40 32.18 -2.64
CA ASP A 117 1.69 32.15 -3.32
C ASP A 117 2.33 30.76 -3.32
N VAL A 118 1.63 29.77 -2.74
CA VAL A 118 2.01 28.36 -2.79
C VAL A 118 0.98 27.51 -3.58
N GLU A 119 1.50 26.60 -4.41
CA GLU A 119 0.64 25.59 -5.02
C GLU A 119 0.95 24.17 -4.50
N ILE A 120 -0.11 23.46 -4.11
CA ILE A 120 -0.02 22.05 -3.73
C ILE A 120 -0.24 21.26 -5.00
N ILE A 121 0.66 20.33 -5.34
CA ILE A 121 0.46 19.43 -6.46
C ILE A 121 0.22 18.00 -5.93
N TYR A 122 -1.02 17.54 -6.05
CA TYR A 122 -1.44 16.28 -5.47
C TYR A 122 -1.21 15.17 -6.48
N ARG A 123 -0.25 14.27 -6.23
CA ARG A 123 0.11 13.24 -7.18
C ARG A 123 -0.76 11.97 -7.03
N GLU A 124 -0.47 10.97 -7.86
CA GLU A 124 -1.22 9.72 -7.88
C GLU A 124 -0.63 8.71 -6.90
N PRO A 125 -1.42 7.69 -6.46
CA PRO A 125 -0.92 6.59 -5.65
C PRO A 125 -0.08 5.64 -6.50
N ILE A 126 0.25 4.51 -5.89
CA ILE A 126 1.26 3.65 -6.46
C ILE A 126 0.68 2.87 -7.63
N GLY A 127 -0.53 2.34 -7.44
CA GLY A 127 -1.13 1.55 -8.51
C GLY A 127 -0.44 0.22 -8.80
N ALA A 128 -0.91 -0.40 -9.89
CA ALA A 128 -0.48 -1.73 -10.30
C ALA A 128 0.80 -1.61 -11.14
N ASP A 129 1.82 -1.10 -10.47
CA ASP A 129 3.06 -0.86 -11.17
C ASP A 129 3.78 -2.20 -11.40
N ASP A 130 4.48 -2.30 -12.52
CA ASP A 130 5.25 -3.52 -12.79
C ASP A 130 6.24 -3.83 -11.65
N ARG A 131 6.74 -2.80 -10.98
CA ARG A 131 7.71 -2.91 -9.88
C ARG A 131 7.07 -3.59 -8.66
N ILE A 132 5.73 -3.45 -8.53
CA ILE A 132 4.99 -4.01 -7.44
C ILE A 132 4.80 -5.48 -7.70
N VAL A 133 4.73 -5.85 -8.98
CA VAL A 133 4.67 -7.27 -9.24
C VAL A 133 6.03 -7.92 -9.08
N ASP A 134 7.14 -7.25 -9.42
CA ASP A 134 8.47 -7.73 -9.03
C ASP A 134 8.55 -7.91 -7.50
N ILE A 135 8.03 -6.95 -6.72
CA ILE A 135 8.23 -7.04 -5.30
C ILE A 135 7.42 -8.22 -4.76
N ILE A 136 6.17 -8.35 -5.20
CA ILE A 136 5.27 -9.40 -4.76
C ILE A 136 5.89 -10.76 -5.05
N ILE A 137 6.56 -10.88 -6.21
CA ILE A 137 7.13 -12.14 -6.59
C ILE A 137 8.32 -12.46 -5.68
N ASP A 138 9.13 -11.44 -5.39
CA ASP A 138 10.14 -11.57 -4.34
C ASP A 138 9.53 -12.00 -3.02
N ARG A 139 8.45 -11.33 -2.60
CA ARG A 139 7.95 -11.64 -1.27
C ARG A 139 7.38 -13.06 -1.30
N ALA A 140 6.89 -13.50 -2.45
CA ALA A 140 6.24 -14.80 -2.55
C ALA A 140 7.30 -15.88 -2.32
N PHE A 141 8.56 -15.57 -2.69
CA PHE A 141 9.67 -16.49 -2.41
C PHE A 141 10.46 -16.14 -1.14
N GLY A 142 9.91 -15.27 -0.29
CA GLY A 142 10.50 -15.04 1.03
C GLY A 142 11.78 -14.22 0.91
N ARG A 143 12.00 -13.60 -0.26
CA ARG A 143 12.96 -12.52 -0.41
C ARG A 143 12.27 -11.18 -0.08
N MET B 1 0.54 -27.86 -7.69
CA MET B 1 1.30 -28.13 -6.38
C MET B 1 1.34 -26.84 -5.54
N GLU B 2 1.82 -25.74 -6.13
CA GLU B 2 1.96 -24.49 -5.40
C GLU B 2 1.01 -23.41 -5.93
N ALA B 3 0.34 -22.71 -5.01
CA ALA B 3 -0.51 -21.59 -5.38
C ALA B 3 -0.08 -20.30 -4.67
N LEU B 4 -0.26 -19.18 -5.36
CA LEU B 4 -0.06 -17.84 -4.87
C LEU B 4 -1.43 -17.21 -4.69
N VAL B 5 -1.74 -16.84 -3.47
CA VAL B 5 -2.89 -16.02 -3.14
C VAL B 5 -2.43 -14.62 -2.78
N LEU B 6 -2.89 -13.62 -3.54
CA LEU B 6 -2.65 -12.24 -3.22
C LEU B 6 -3.84 -11.73 -2.48
N VAL B 7 -3.56 -11.07 -1.39
CA VAL B 7 -4.61 -10.68 -0.49
C VAL B 7 -4.46 -9.18 -0.27
N GLY B 8 -5.56 -8.45 -0.33
CA GLY B 8 -5.54 -6.99 -0.25
C GLY B 8 -6.67 -6.50 0.66
N HIS B 9 -6.62 -5.20 0.95
CA HIS B 9 -7.50 -4.65 1.97
C HIS B 9 -8.95 -4.82 1.54
N GLY B 10 -9.26 -4.32 0.36
CA GLY B 10 -10.63 -4.19 -0.13
C GLY B 10 -11.24 -2.85 0.28
N SER B 11 -12.19 -2.32 -0.50
CA SER B 11 -12.83 -1.06 -0.12
C SER B 11 -14.27 -1.02 -0.61
N ARG B 12 -14.99 0.02 -0.16
CA ARG B 12 -16.30 0.39 -0.70
C ARG B 12 -16.14 0.99 -2.10
N LEU B 13 -14.97 1.60 -2.36
CA LEU B 13 -14.68 2.07 -3.70
C LEU B 13 -14.08 0.87 -4.41
N PRO B 14 -14.04 0.85 -5.76
CA PRO B 14 -13.65 -0.36 -6.47
C PRO B 14 -12.16 -0.46 -6.78
N TYR B 15 -11.39 0.57 -6.43
CA TYR B 15 -10.03 0.69 -6.92
C TYR B 15 -9.16 -0.41 -6.32
N SER B 16 -9.47 -0.75 -5.10
CA SER B 16 -8.62 -1.63 -4.33
C SER B 16 -8.71 -3.04 -4.93
N LYS B 17 -9.91 -3.46 -5.27
CA LYS B 17 -10.11 -4.75 -5.92
C LYS B 17 -9.54 -4.72 -7.34
N GLU B 18 -9.78 -3.62 -8.02
CA GLU B 18 -9.28 -3.53 -9.38
C GLU B 18 -7.75 -3.66 -9.38
N LEU B 19 -7.07 -3.06 -8.40
CA LEU B 19 -5.62 -3.18 -8.34
C LEU B 19 -5.21 -4.64 -8.10
N LEU B 20 -5.89 -5.35 -7.21
CA LEU B 20 -5.51 -6.74 -7.01
C LEU B 20 -5.71 -7.54 -8.29
N VAL B 21 -6.79 -7.24 -9.04
CA VAL B 21 -7.10 -7.98 -10.24
C VAL B 21 -5.99 -7.73 -11.23
N LYS B 22 -5.58 -6.48 -11.36
CA LYS B 22 -4.57 -6.14 -12.35
C LYS B 22 -3.28 -6.85 -11.91
N LEU B 23 -2.99 -6.83 -10.61
CA LEU B 23 -1.70 -7.36 -10.19
C LEU B 23 -1.70 -8.87 -10.41
N ALA B 24 -2.81 -9.55 -10.07
CA ALA B 24 -2.92 -10.98 -10.36
C ALA B 24 -2.72 -11.31 -11.86
N GLU B 25 -3.27 -10.46 -12.74
CA GLU B 25 -3.14 -10.73 -14.17
C GLU B 25 -1.69 -10.57 -14.62
N LYS B 26 -0.99 -9.60 -14.05
CA LYS B 26 0.42 -9.44 -14.36
C LYS B 26 1.26 -10.63 -13.89
N VAL B 27 0.97 -11.22 -12.71
CA VAL B 27 1.75 -12.39 -12.33
C VAL B 27 1.34 -13.61 -13.16
N LYS B 28 0.06 -13.71 -13.55
CA LYS B 28 -0.28 -14.74 -14.50
C LYS B 28 0.59 -14.64 -15.75
N GLU B 29 0.79 -13.43 -16.32
CA GLU B 29 1.60 -13.22 -17.54
C GLU B 29 3.04 -13.72 -17.37
N ARG B 30 3.49 -13.80 -16.12
CA ARG B 30 4.85 -14.23 -15.85
C ARG B 30 5.01 -15.75 -15.97
N ASN B 31 3.91 -16.55 -15.88
CA ASN B 31 3.96 -18.02 -15.91
C ASN B 31 4.97 -18.60 -14.91
N LEU B 32 4.82 -18.26 -13.62
CA LEU B 32 5.64 -18.74 -12.53
C LEU B 32 4.87 -19.71 -11.66
N PHE B 33 3.55 -19.54 -11.59
CA PHE B 33 2.77 -20.28 -10.62
C PHE B 33 1.66 -20.99 -11.36
N PRO B 34 1.43 -22.24 -10.92
CA PRO B 34 0.38 -23.07 -11.49
C PRO B 34 -0.97 -22.41 -11.20
N ILE B 35 -1.11 -21.88 -9.98
CA ILE B 35 -2.38 -21.34 -9.55
C ILE B 35 -2.14 -19.96 -8.94
N VAL B 36 -2.96 -18.98 -9.34
CA VAL B 36 -2.91 -17.66 -8.76
C VAL B 36 -4.32 -17.19 -8.42
N GLU B 37 -4.64 -16.89 -7.15
CA GLU B 37 -5.94 -16.29 -6.86
C GLU B 37 -5.78 -15.01 -6.02
N ILE B 38 -6.86 -14.20 -5.97
CA ILE B 38 -6.93 -12.98 -5.17
C ILE B 38 -8.07 -13.10 -4.15
N GLY B 39 -7.99 -12.29 -3.07
CA GLY B 39 -8.90 -12.27 -1.93
C GLY B 39 -8.84 -10.89 -1.27
N LEU B 40 -10.01 -10.36 -0.94
CA LEU B 40 -10.07 -9.04 -0.34
C LEU B 40 -10.50 -9.27 1.10
N MET B 41 -9.81 -8.61 2.03
CA MET B 41 -10.12 -8.76 3.44
C MET B 41 -11.54 -8.29 3.72
N GLU B 42 -11.96 -7.14 3.21
CA GLU B 42 -13.27 -6.62 3.61
C GLU B 42 -14.08 -6.24 2.36
N PHE B 43 -15.40 -6.35 2.52
CA PHE B 43 -16.51 -5.82 1.72
C PHE B 43 -16.37 -5.98 0.21
N SER B 44 -15.57 -6.93 -0.23
CA SER B 44 -15.47 -7.17 -1.67
C SER B 44 -15.30 -8.66 -1.81
N GLU B 45 -15.64 -9.16 -2.99
CA GLU B 45 -15.44 -10.56 -3.21
C GLU B 45 -14.53 -10.67 -4.41
N PRO B 46 -13.73 -11.75 -4.55
CA PRO B 46 -13.66 -12.88 -3.60
C PRO B 46 -13.04 -12.50 -2.26
N THR B 47 -13.39 -13.27 -1.21
CA THR B 47 -12.89 -13.03 0.15
C THR B 47 -11.65 -13.89 0.31
N ILE B 48 -10.92 -13.68 1.41
CA ILE B 48 -9.72 -14.48 1.65
C ILE B 48 -10.06 -15.97 1.78
N PRO B 49 -11.01 -16.39 2.63
CA PRO B 49 -11.37 -17.82 2.68
C PRO B 49 -11.75 -18.39 1.31
N GLN B 50 -12.55 -17.66 0.51
CA GLN B 50 -12.84 -18.18 -0.83
C GLN B 50 -11.57 -18.33 -1.67
N ALA B 51 -10.67 -17.34 -1.61
CA ALA B 51 -9.49 -17.47 -2.47
C ALA B 51 -8.72 -18.72 -2.02
N VAL B 52 -8.68 -18.95 -0.71
CA VAL B 52 -7.85 -20.09 -0.30
C VAL B 52 -8.52 -21.40 -0.71
N LYS B 53 -9.85 -21.52 -0.52
CA LYS B 53 -10.57 -22.75 -0.87
C LYS B 53 -10.41 -23.05 -2.36
N LYS B 54 -10.54 -22.01 -3.20
CA LYS B 54 -10.43 -22.12 -4.64
C LYS B 54 -9.04 -22.65 -4.96
N ALA B 55 -8.03 -22.25 -4.18
CA ALA B 55 -6.71 -22.73 -4.50
C ALA B 55 -6.59 -24.23 -4.19
N ILE B 56 -7.17 -24.67 -3.08
CA ILE B 56 -7.19 -26.06 -2.72
C ILE B 56 -7.91 -26.90 -3.79
N GLU B 57 -9.11 -26.45 -4.19
CA GLU B 57 -9.95 -27.13 -5.18
C GLU B 57 -9.17 -27.31 -6.49
N GLN B 58 -8.17 -26.46 -6.73
CA GLN B 58 -7.40 -26.58 -7.95
C GLN B 58 -6.24 -27.58 -7.77
N GLY B 59 -6.09 -28.09 -6.52
CA GLY B 59 -5.10 -29.08 -6.11
C GLY B 59 -3.76 -28.43 -5.76
N ALA B 60 -3.79 -27.29 -5.03
CA ALA B 60 -2.57 -26.73 -4.47
C ALA B 60 -2.39 -27.34 -3.10
N LYS B 61 -1.16 -27.77 -2.81
CA LYS B 61 -0.80 -28.30 -1.51
C LYS B 61 0.05 -27.28 -0.73
N ARG B 62 0.82 -26.45 -1.47
CA ARG B 62 1.52 -25.33 -0.86
C ARG B 62 0.90 -24.00 -1.34
N ILE B 63 0.29 -23.28 -0.40
CA ILE B 63 -0.37 -22.01 -0.70
C ILE B 63 0.41 -20.84 -0.12
N ILE B 64 1.02 -20.04 -1.01
CA ILE B 64 1.79 -18.85 -0.66
C ILE B 64 0.81 -17.68 -0.62
N VAL B 65 0.64 -17.09 0.55
CA VAL B 65 -0.23 -15.93 0.74
C VAL B 65 0.66 -14.69 0.90
N VAL B 66 0.50 -13.75 -0.02
CA VAL B 66 1.23 -12.52 0.02
C VAL B 66 0.24 -11.39 0.29
N PRO B 67 0.43 -10.67 1.40
CA PRO B 67 -0.43 -9.54 1.74
C PRO B 67 0.05 -8.35 0.93
N VAL B 68 -0.77 -7.91 0.00
CA VAL B 68 -0.45 -6.77 -0.81
C VAL B 68 -0.81 -5.54 0.00
N PHE B 69 0.01 -5.27 1.03
CA PHE B 69 -0.11 -4.11 1.90
C PHE B 69 1.27 -3.45 1.94
N LEU B 70 1.29 -2.15 2.18
CA LEU B 70 2.53 -1.41 2.29
C LEU B 70 3.22 -1.82 3.60
N ALA B 71 2.52 -1.73 4.72
CA ALA B 71 3.16 -2.03 5.99
C ALA B 71 2.32 -3.04 6.78
N HIS B 72 2.96 -3.71 7.75
CA HIS B 72 2.24 -4.39 8.81
C HIS B 72 1.30 -3.40 9.48
N GLY B 73 0.16 -3.96 9.86
CA GLY B 73 -0.81 -3.33 10.73
C GLY B 73 -1.73 -4.37 11.37
N ILE B 74 -2.88 -3.91 11.84
CA ILE B 74 -3.86 -4.77 12.48
C ILE B 74 -4.30 -5.82 11.46
N HIS B 75 -4.42 -5.39 10.21
CA HIS B 75 -4.90 -6.28 9.18
C HIS B 75 -3.91 -7.43 9.03
N THR B 76 -2.61 -7.10 8.97
CA THR B 76 -1.71 -8.20 8.60
C THR B 76 -1.28 -9.01 9.80
N THR B 77 -1.47 -8.48 11.02
CA THR B 77 -1.02 -9.21 12.20
C THR B 77 -2.16 -9.92 12.94
N ARG B 78 -3.38 -9.35 12.99
CA ARG B 78 -4.55 -10.02 13.59
C ARG B 78 -5.41 -10.71 12.51
N ASP B 79 -6.18 -9.90 11.74
CA ASP B 79 -7.33 -10.35 10.95
C ASP B 79 -6.92 -11.39 9.92
N ILE B 80 -5.77 -11.20 9.27
CA ILE B 80 -5.51 -12.06 8.14
C ILE B 80 -5.04 -13.42 8.65
N PRO B 81 -4.09 -13.49 9.60
CA PRO B 81 -3.67 -14.78 10.15
C PRO B 81 -4.85 -15.46 10.82
N ARG B 82 -5.86 -14.68 11.25
CA ARG B 82 -7.06 -15.30 11.79
C ARG B 82 -7.75 -16.01 10.64
N LEU B 83 -8.20 -15.24 9.65
CA LEU B 83 -8.96 -15.77 8.52
C LEU B 83 -8.28 -16.98 7.91
N LEU B 84 -6.95 -17.12 8.08
CA LEU B 84 -6.19 -18.23 7.54
C LEU B 84 -6.04 -19.36 8.57
N GLY B 85 -6.75 -19.23 9.70
CA GLY B 85 -6.66 -20.17 10.82
C GLY B 85 -5.24 -20.32 11.38
N LEU B 86 -4.44 -19.26 11.35
CA LEU B 86 -3.08 -19.37 11.87
C LEU B 86 -3.02 -18.95 13.33
N ILE B 87 -4.17 -18.52 13.89
CA ILE B 87 -4.24 -17.89 15.18
C ILE B 87 -5.42 -18.50 15.92
N GLU B 88 -5.18 -18.96 17.15
CA GLU B 88 -6.12 -19.71 17.97
C GLU B 88 -7.46 -18.99 18.14
N ASP B 89 -7.50 -17.65 18.31
CA ASP B 89 -8.79 -16.96 18.29
C ASP B 89 -9.19 -16.63 16.84
N LEU B 112 -14.31 -19.02 9.88
CA LEU B 112 -15.53 -19.74 9.42
C LEU B 112 -15.15 -20.91 8.50
N GLU B 113 -13.84 -21.19 8.36
CA GLU B 113 -13.30 -22.18 7.41
C GLU B 113 -12.04 -22.88 7.95
N ILE B 114 -11.79 -24.15 7.52
CA ILE B 114 -10.60 -24.95 7.83
C ILE B 114 -10.08 -25.62 6.55
N PRO B 115 -8.75 -25.88 6.37
CA PRO B 115 -8.22 -26.46 5.11
C PRO B 115 -7.83 -27.94 5.04
N GLU B 116 -7.94 -28.64 6.16
CA GLU B 116 -7.36 -29.97 6.32
C GLU B 116 -5.88 -29.98 5.91
N ASP B 117 -5.42 -30.96 5.12
CA ASP B 117 -4.01 -31.32 5.15
C ASP B 117 -3.22 -30.78 3.95
N VAL B 118 -2.60 -29.61 4.17
CA VAL B 118 -2.01 -28.72 3.18
C VAL B 118 -1.31 -27.61 3.96
N GLU B 119 -0.28 -26.94 3.43
CA GLU B 119 0.35 -25.88 4.23
C GLU B 119 0.11 -24.46 3.65
N ILE B 120 -0.32 -23.53 4.52
CA ILE B 120 -0.38 -22.12 4.16
C ILE B 120 0.98 -21.51 4.48
N ILE B 121 1.61 -20.81 3.53
CA ILE B 121 2.81 -20.03 3.83
C ILE B 121 2.47 -18.54 3.76
N TYR B 122 2.46 -17.88 4.92
CA TYR B 122 2.07 -16.49 5.01
C TYR B 122 3.29 -15.59 4.85
N ARG B 123 3.38 -14.86 3.71
CA ARG B 123 4.56 -14.07 3.41
C ARG B 123 4.50 -12.65 4.00
N GLU B 124 5.54 -11.84 3.76
CA GLU B 124 5.63 -10.49 4.30
C GLU B 124 4.97 -9.46 3.37
N PRO B 125 4.65 -8.25 3.89
CA PRO B 125 4.14 -7.15 3.08
C PRO B 125 5.27 -6.52 2.29
N ILE B 126 4.97 -5.38 1.68
CA ILE B 126 5.85 -4.83 0.68
C ILE B 126 7.00 -4.14 1.38
N GLY B 127 6.67 -3.38 2.42
CA GLY B 127 7.75 -2.65 3.11
C GLY B 127 8.36 -1.51 2.31
N ALA B 128 9.42 -0.95 2.91
CA ALA B 128 10.17 0.15 2.35
C ALA B 128 11.21 -0.36 1.35
N ASP B 129 10.69 -1.00 0.33
CA ASP B 129 11.55 -1.49 -0.71
C ASP B 129 12.12 -0.34 -1.57
N ASP B 130 13.35 -0.52 -2.04
CA ASP B 130 13.96 0.50 -2.88
C ASP B 130 13.09 0.78 -4.13
N ARG B 131 12.37 -0.24 -4.62
CA ARG B 131 11.51 -0.13 -5.78
C ARG B 131 10.31 0.81 -5.53
N ILE B 132 9.92 0.91 -4.25
CA ILE B 132 8.84 1.78 -3.85
C ILE B 132 9.32 3.21 -3.84
N VAL B 133 10.62 3.38 -3.59
CA VAL B 133 11.10 4.74 -3.66
C VAL B 133 11.31 5.15 -5.10
N ASP B 134 11.74 4.25 -5.99
CA ASP B 134 11.69 4.54 -7.43
C ASP B 134 10.25 4.91 -7.86
N ILE B 135 9.24 4.17 -7.39
CA ILE B 135 7.89 4.45 -7.87
C ILE B 135 7.47 5.84 -7.40
N ILE B 136 7.68 6.12 -6.11
CA ILE B 136 7.27 7.36 -5.50
C ILE B 136 7.93 8.54 -6.24
N ILE B 137 9.17 8.36 -6.67
CA ILE B 137 9.90 9.43 -7.34
C ILE B 137 9.28 9.65 -8.71
N ASP B 138 8.95 8.57 -9.41
CA ASP B 138 8.13 8.68 -10.62
C ASP B 138 6.82 9.40 -10.33
N ARG B 139 6.10 9.02 -9.29
CA ARG B 139 4.79 9.62 -9.11
C ARG B 139 4.99 11.09 -8.77
N ALA B 140 6.12 11.43 -8.16
CA ALA B 140 6.32 12.79 -7.68
C ALA B 140 6.48 13.67 -8.93
N PHE B 141 7.00 13.09 -10.03
CA PHE B 141 7.10 13.79 -11.30
C PHE B 141 5.95 13.51 -12.25
N GLY B 142 4.86 12.89 -11.78
CA GLY B 142 3.66 12.74 -12.59
C GLY B 142 3.87 11.72 -13.69
N ARG B 143 4.92 10.89 -13.56
CA ARG B 143 5.05 9.65 -14.30
C ARG B 143 4.36 8.51 -13.50
#